data_8ZU1
#
_entry.id   8ZU1
#
_cell.length_a   1.00
_cell.length_b   1.00
_cell.length_c   1.00
_cell.angle_alpha   90.00
_cell.angle_beta   90.00
_cell.angle_gamma   90.00
#
_symmetry.space_group_name_H-M   'P 1'
#
_entity_poly.entity_id   1
_entity_poly.type   'polypeptide(L)'
_entity_poly.pdbx_seq_one_letter_code
;MYKQRFLELWEELHDPSNGYFSSHGIPYHAVETLIVEAPDYGHLTTSEAMSYYLWLEALYGKFTGDFSYFMKAWETIEKY
MIPDSTEQPGMSSYNPNSPATYADEYEDPSYYPSELKFDTVRVGSDPVHNDLVSAYGPNMYLMHWLMDVDNWYGFGTGTR
ATFINTFQRGEQESTWETIPHPSIEEFKYGGPNGFLDLFTKDRSYAKQWRYTNAPDAEGRAIQATYWANQWAKEHGVNLS
QYVKKASRMGDFLRNDMFDKYFMKIGAQDKTPATGYDSAHYLMAWYTAWGGGIGASWAWKIGCSHAHAGYQNPMTAWILA
NDPEFKPESPNGANDWAKSLERQLEFYQWLQSAEGGIAGGATNSWNGRYEKYPAGTSTFYGMAYVPHPVYADPGSNQWFG
FQAWSMQRVMEYYLETGDSSVKNLIKKWVDWVMSEIKLYDDGTFAIPSDLEWSGQPDTWTGTYTGNPNLHVRVTSYGTDL
GVAGSLANALATYAAATERWEGKLDTKARDMAAELLDRMWNLYRDDKGLSAPETREDYVRFFEQEVYVPQGWSGTMPNGD
RIEPGVTFLDIRSKYLNDPDYPKLQQAYNEGKAPVFNYHRFWAQCDIAIANGLYSILF
;
_entity_poly.pdbx_strand_id   A
#
# COMPACT_ATOMS: atom_id res chain seq x y z
N MET A 1 22.27 -13.83 -17.67
CA MET A 1 21.18 -14.81 -17.67
C MET A 1 19.99 -14.29 -16.87
N TYR A 2 20.25 -13.31 -15.99
CA TYR A 2 19.19 -12.71 -15.20
C TYR A 2 18.34 -11.77 -16.04
N LYS A 3 18.99 -10.96 -16.89
CA LYS A 3 18.23 -10.05 -17.74
C LYS A 3 17.36 -10.82 -18.74
N GLN A 4 17.79 -12.02 -19.14
CA GLN A 4 16.95 -12.84 -20.01
C GLN A 4 15.66 -13.22 -19.29
N ARG A 5 15.76 -13.60 -18.02
CA ARG A 5 14.55 -13.87 -17.25
C ARG A 5 13.68 -12.64 -17.13
N PHE A 6 14.29 -11.48 -16.87
CA PHE A 6 13.48 -10.27 -16.78
C PHE A 6 12.73 -10.00 -18.08
N LEU A 7 13.41 -10.13 -19.22
CA LEU A 7 12.78 -9.84 -20.49
C LEU A 7 11.71 -10.87 -20.85
N GLU A 8 11.91 -12.15 -20.48
CA GLU A 8 10.90 -13.15 -20.82
C GLU A 8 9.65 -12.96 -19.97
N LEU A 9 9.81 -12.68 -18.66
CA LEU A 9 8.64 -12.34 -17.87
C LEU A 9 8.00 -11.04 -18.32
N TRP A 10 8.79 -10.10 -18.84
CA TRP A 10 8.23 -8.86 -19.39
C TRP A 10 7.35 -9.16 -20.60
N GLU A 11 7.84 -10.00 -21.52
CA GLU A 11 7.05 -10.41 -22.67
C GLU A 11 5.77 -11.11 -22.23
N GLU A 12 5.87 -11.99 -21.23
CA GLU A 12 4.68 -12.68 -20.75
C GLU A 12 3.69 -11.71 -20.12
N LEU A 13 4.18 -10.66 -19.47
CA LEU A 13 3.28 -9.68 -18.89
C LEU A 13 2.61 -8.81 -19.95
N HIS A 14 3.31 -8.51 -21.04
CA HIS A 14 2.76 -7.69 -22.12
C HIS A 14 2.15 -8.50 -23.24
N ASP A 15 2.02 -9.81 -23.08
CA ASP A 15 1.33 -10.63 -24.07
C ASP A 15 -0.17 -10.48 -23.90
N PRO A 16 -0.91 -10.08 -24.94
CA PRO A 16 -2.36 -9.87 -24.78
C PRO A 16 -3.15 -11.14 -24.46
N SER A 17 -2.61 -12.32 -24.80
CA SER A 17 -3.35 -13.55 -24.59
C SER A 17 -3.38 -13.97 -23.12
N ASN A 18 -2.37 -13.58 -22.34
CA ASN A 18 -2.30 -13.99 -20.94
C ASN A 18 -3.32 -13.27 -20.06
N GLY A 19 -3.87 -12.15 -20.53
CA GLY A 19 -4.91 -11.47 -19.78
C GLY A 19 -4.43 -10.59 -18.65
N TYR A 20 -3.16 -10.18 -18.68
CA TYR A 20 -2.65 -9.32 -17.62
C TYR A 20 -3.12 -7.88 -17.77
N PHE A 21 -3.28 -7.41 -19.00
CA PHE A 21 -3.66 -6.03 -19.29
C PHE A 21 -5.01 -5.99 -19.98
N SER A 22 -5.74 -4.90 -19.78
CA SER A 22 -7.04 -4.73 -20.40
C SER A 22 -6.90 -4.06 -21.77
N SER A 23 -8.02 -3.64 -22.35
CA SER A 23 -7.99 -3.01 -23.67
C SER A 23 -7.36 -1.62 -23.60
N HIS A 24 -7.55 -0.90 -22.49
CA HIS A 24 -6.97 0.42 -22.35
C HIS A 24 -5.47 0.38 -22.13
N GLY A 25 -4.92 -0.78 -21.75
CA GLY A 25 -3.55 -0.86 -21.30
C GLY A 25 -3.39 -0.84 -19.80
N ILE A 26 -4.48 -0.94 -19.04
CA ILE A 26 -4.42 -0.94 -17.58
C ILE A 26 -4.10 -2.35 -17.10
N PRO A 27 -3.10 -2.53 -16.24
CA PRO A 27 -2.87 -3.86 -15.65
C PRO A 27 -3.98 -4.28 -14.71
N TYR A 28 -4.19 -5.59 -14.65
CA TYR A 28 -5.13 -6.21 -13.72
C TYR A 28 -4.40 -6.60 -12.44
N HIS A 29 -5.18 -6.87 -11.39
CA HIS A 29 -4.58 -7.39 -10.16
C HIS A 29 -4.00 -8.78 -10.38
N ALA A 30 -4.79 -9.67 -11.01
CA ALA A 30 -4.34 -11.02 -11.32
C ALA A 30 -5.07 -11.49 -12.57
N VAL A 31 -4.47 -12.47 -13.25
CA VAL A 31 -5.11 -13.08 -14.40
C VAL A 31 -6.37 -13.82 -13.96
N GLU A 32 -6.27 -14.60 -12.88
CA GLU A 32 -7.41 -15.36 -12.38
C GLU A 32 -8.41 -14.43 -11.71
N THR A 33 -9.67 -14.51 -12.15
CA THR A 33 -10.69 -13.61 -11.64
C THR A 33 -11.14 -13.98 -10.23
N LEU A 34 -11.03 -15.25 -9.84
CA LEU A 34 -11.50 -15.70 -8.53
C LEU A 34 -10.30 -15.71 -7.60
N ILE A 35 -10.07 -14.58 -6.94
CA ILE A 35 -9.01 -14.42 -5.96
C ILE A 35 -9.43 -13.32 -4.99
N VAL A 36 -9.30 -13.59 -3.70
CA VAL A 36 -9.81 -12.68 -2.68
C VAL A 36 -8.63 -12.29 -1.79
N GLU A 37 -8.01 -11.17 -2.14
CA GLU A 37 -6.98 -10.47 -1.39
C GLU A 37 -7.54 -9.08 -1.09
N ALA A 38 -6.66 -8.16 -0.67
CA ALA A 38 -7.06 -6.76 -0.51
C ALA A 38 -7.95 -6.29 -1.65
N PRO A 39 -7.67 -6.65 -2.92
CA PRO A 39 -8.73 -6.58 -3.94
C PRO A 39 -9.57 -7.86 -3.98
N ASP A 40 -10.89 -7.72 -3.89
CA ASP A 40 -11.79 -8.86 -3.79
C ASP A 40 -12.11 -9.50 -5.13
N TYR A 41 -11.65 -8.92 -6.24
CA TYR A 41 -11.89 -9.47 -7.57
C TYR A 41 -10.58 -9.46 -8.34
N GLY A 42 -10.43 -10.47 -9.21
CA GLY A 42 -9.16 -10.63 -9.91
C GLY A 42 -8.86 -9.53 -10.90
N HIS A 43 -9.88 -9.02 -11.57
CA HIS A 43 -9.70 -8.10 -12.68
C HIS A 43 -9.93 -6.64 -12.29
N LEU A 44 -9.78 -6.31 -11.01
CA LEU A 44 -9.63 -4.93 -10.58
C LEU A 44 -8.17 -4.50 -10.73
N THR A 45 -7.92 -3.21 -10.57
CA THR A 45 -6.56 -2.70 -10.60
C THR A 45 -6.30 -1.88 -9.35
N THR A 46 -5.05 -1.92 -8.89
CA THR A 46 -4.62 -1.24 -7.69
C THR A 46 -3.50 -0.26 -8.03
N SER A 47 -3.34 0.76 -7.19
CA SER A 47 -2.27 1.72 -7.41
C SER A 47 -0.89 1.09 -7.20
N GLU A 48 -0.80 0.04 -6.39
CA GLU A 48 0.46 -0.68 -6.28
C GLU A 48 0.79 -1.38 -7.59
N ALA A 49 -0.23 -1.86 -8.31
CA ALA A 49 0.01 -2.45 -9.61
C ALA A 49 0.58 -1.43 -10.58
N MET A 50 0.09 -0.19 -10.54
CA MET A 50 0.61 0.83 -11.44
C MET A 50 2.00 1.30 -11.01
N SER A 51 2.28 1.28 -9.71
CA SER A 51 3.65 1.60 -9.26
C SER A 51 4.64 0.54 -9.70
N TYR A 52 4.24 -0.74 -9.61
CA TYR A 52 5.07 -1.81 -10.16
C TYR A 52 5.17 -1.74 -11.66
N TYR A 53 4.11 -1.28 -12.34
CA TYR A 53 4.16 -1.01 -13.76
C TYR A 53 5.22 0.04 -14.09
N LEU A 54 5.23 1.14 -13.33
CA LEU A 54 6.24 2.17 -13.52
C LEU A 54 7.64 1.63 -13.30
N TRP A 55 7.83 0.85 -12.24
CA TRP A 55 9.15 0.27 -11.97
C TRP A 55 9.56 -0.70 -13.08
N LEU A 56 8.58 -1.44 -13.62
CA LEU A 56 8.88 -2.43 -14.64
C LEU A 56 9.33 -1.79 -15.94
N GLU A 57 8.63 -0.76 -16.41
CA GLU A 57 9.17 -0.11 -17.61
C GLU A 57 10.30 0.87 -17.31
N ALA A 58 10.52 1.27 -16.06
CA ALA A 58 11.78 1.92 -15.74
C ALA A 58 12.95 0.96 -15.96
N LEU A 59 12.80 -0.28 -15.49
CA LEU A 59 13.82 -1.29 -15.75
C LEU A 59 13.93 -1.62 -17.23
N TYR A 60 12.79 -1.64 -17.94
CA TYR A 60 12.82 -1.88 -19.38
C TYR A 60 13.58 -0.77 -20.10
N GLY A 61 13.34 0.48 -19.70
CA GLY A 61 14.08 1.59 -20.27
C GLY A 61 15.56 1.55 -19.94
N LYS A 62 15.91 1.08 -18.74
CA LYS A 62 17.33 0.91 -18.43
C LYS A 62 17.95 -0.15 -19.34
N PHE A 63 17.26 -1.27 -19.54
CA PHE A 63 17.85 -2.39 -20.26
C PHE A 63 17.89 -2.16 -21.77
N THR A 64 16.93 -1.43 -22.32
CA THR A 64 16.85 -1.24 -23.76
C THR A 64 16.98 0.21 -24.21
N GLY A 65 16.87 1.18 -23.31
CA GLY A 65 16.86 2.57 -23.72
C GLY A 65 15.54 3.04 -24.31
N ASP A 66 14.45 2.34 -24.02
CA ASP A 66 13.13 2.62 -24.60
C ASP A 66 12.20 3.01 -23.46
N PHE A 67 12.08 4.31 -23.21
CA PHE A 67 11.20 4.82 -22.17
C PHE A 67 9.81 5.15 -22.69
N SER A 68 9.52 4.81 -23.94
CA SER A 68 8.19 5.05 -24.49
C SER A 68 7.13 4.30 -23.72
N TYR A 69 7.42 3.05 -23.34
CA TYR A 69 6.48 2.31 -22.49
C TYR A 69 6.35 2.95 -21.12
N PHE A 70 7.46 3.45 -20.57
CA PHE A 70 7.41 4.16 -19.29
C PHE A 70 6.61 5.46 -19.41
N MET A 71 6.81 6.19 -20.52
CA MET A 71 6.06 7.41 -20.76
C MET A 71 4.56 7.11 -20.89
N LYS A 72 4.23 6.05 -21.62
CA LYS A 72 2.84 5.65 -21.77
C LYS A 72 2.24 5.19 -20.44
N ALA A 73 3.06 4.54 -19.59
CA ALA A 73 2.59 4.19 -18.26
C ALA A 73 2.24 5.43 -17.45
N TRP A 74 3.08 6.47 -17.53
CA TRP A 74 2.76 7.72 -16.85
C TRP A 74 1.51 8.38 -17.43
N GLU A 75 1.36 8.35 -18.76
CA GLU A 75 0.15 8.92 -19.36
C GLU A 75 -1.10 8.16 -18.95
N THR A 76 -1.01 6.83 -18.86
CA THR A 76 -2.13 6.03 -18.38
C THR A 76 -2.44 6.33 -16.93
N ILE A 77 -1.41 6.53 -16.10
CA ILE A 77 -1.64 6.90 -14.70
C ILE A 77 -2.35 8.24 -14.61
N GLU A 78 -1.89 9.23 -15.37
CA GLU A 78 -2.50 10.55 -15.32
C GLU A 78 -3.91 10.53 -15.86
N LYS A 79 -4.15 9.75 -16.92
CA LYS A 79 -5.47 9.69 -17.53
C LYS A 79 -6.45 8.89 -16.69
N TYR A 80 -6.01 7.76 -16.16
CA TYR A 80 -6.92 6.81 -15.51
C TYR A 80 -6.81 6.78 -14.00
N MET A 81 -5.60 6.73 -13.44
CA MET A 81 -5.49 6.53 -12.01
C MET A 81 -5.57 7.85 -11.25
N ILE A 82 -4.86 8.88 -11.71
CA ILE A 82 -4.97 10.20 -11.10
C ILE A 82 -6.28 10.81 -11.58
N PRO A 83 -7.18 11.19 -10.69
CA PRO A 83 -8.46 11.77 -11.13
C PRO A 83 -8.24 13.03 -11.96
N ASP A 84 -9.05 13.16 -13.00
CA ASP A 84 -8.91 14.27 -13.95
C ASP A 84 -9.47 15.55 -13.36
N SER A 85 -9.11 16.67 -13.98
CA SER A 85 -9.59 17.97 -13.52
C SER A 85 -11.11 18.07 -13.63
N THR A 86 -11.70 17.49 -14.68
CA THR A 86 -13.15 17.45 -14.77
C THR A 86 -13.75 16.50 -13.75
N GLU A 87 -12.99 15.51 -13.30
CA GLU A 87 -13.42 14.59 -12.26
C GLU A 87 -13.14 15.11 -10.85
N GLN A 88 -12.67 16.35 -10.73
CA GLN A 88 -12.40 16.97 -9.43
C GLN A 88 -13.09 18.32 -9.36
N PRO A 89 -14.42 18.35 -9.29
CA PRO A 89 -15.13 19.62 -9.17
C PRO A 89 -15.34 20.04 -7.73
N GLY A 90 -15.32 21.35 -7.52
CA GLY A 90 -15.49 21.90 -6.19
C GLY A 90 -14.25 21.84 -5.31
N MET A 91 -13.08 21.55 -5.89
CA MET A 91 -11.86 21.50 -5.09
C MET A 91 -11.35 22.89 -4.72
N SER A 92 -11.76 23.92 -5.46
CA SER A 92 -11.36 25.29 -5.17
C SER A 92 -12.04 25.86 -3.93
N SER A 93 -13.05 25.18 -3.41
CA SER A 93 -13.77 25.62 -2.22
C SER A 93 -13.14 25.12 -0.93
N TYR A 94 -11.98 24.50 -1.01
CA TYR A 94 -11.32 23.98 0.18
C TYR A 94 -10.88 25.11 1.10
N ASN A 95 -11.10 24.93 2.40
CA ASN A 95 -10.70 25.91 3.41
C ASN A 95 -9.59 25.34 4.26
N PRO A 96 -8.33 25.75 4.05
CA PRO A 96 -7.22 25.13 4.81
C PRO A 96 -7.29 25.37 6.31
N ASN A 97 -8.03 26.39 6.75
CA ASN A 97 -8.22 26.59 8.19
C ASN A 97 -9.07 25.48 8.79
N SER A 98 -10.08 25.01 8.05
CA SER A 98 -10.95 23.91 8.47
C SER A 98 -10.90 22.83 7.41
N PRO A 99 -9.93 21.91 7.49
CA PRO A 99 -9.79 20.87 6.46
C PRO A 99 -10.94 19.88 6.42
N ALA A 100 -11.36 19.34 7.56
CA ALA A 100 -12.35 18.26 7.57
C ALA A 100 -13.09 18.25 8.89
N THR A 101 -14.04 17.32 9.00
CA THR A 101 -14.86 17.13 10.19
C THR A 101 -14.47 15.84 10.90
N TYR A 102 -14.90 15.73 12.15
CA TYR A 102 -14.44 14.64 13.02
C TYR A 102 -15.28 13.38 12.85
N ALA A 103 -14.63 12.23 13.02
CA ALA A 103 -15.31 10.93 13.02
C ALA A 103 -14.43 9.91 13.74
N ASP A 104 -15.06 9.03 14.51
CA ASP A 104 -14.36 8.01 15.29
C ASP A 104 -14.02 6.78 14.45
N GLU A 105 -13.22 5.90 15.06
CA GLU A 105 -12.96 4.56 14.56
C GLU A 105 -13.42 3.56 15.62
N TYR A 106 -14.12 2.51 15.20
CA TYR A 106 -14.67 1.53 16.12
C TYR A 106 -14.11 0.14 15.83
N GLU A 107 -13.94 -0.64 16.90
CA GLU A 107 -13.21 -1.90 16.83
C GLU A 107 -13.94 -2.98 16.06
N ASP A 108 -15.26 -2.85 15.88
CA ASP A 108 -16.02 -3.88 15.20
C ASP A 108 -16.87 -3.24 14.11
N PRO A 109 -17.03 -3.91 12.97
CA PRO A 109 -17.90 -3.35 11.91
C PRO A 109 -19.35 -3.21 12.32
N SER A 110 -19.80 -3.92 13.36
CA SER A 110 -21.20 -3.79 13.78
C SER A 110 -21.50 -2.40 14.32
N TYR A 111 -20.48 -1.70 14.82
CA TYR A 111 -20.69 -0.34 15.32
C TYR A 111 -21.02 0.62 14.20
N TYR A 112 -20.52 0.36 12.99
CA TYR A 112 -20.77 1.24 11.87
C TYR A 112 -22.24 1.15 11.43
N PRO A 113 -22.81 2.26 10.91
CA PRO A 113 -22.17 3.54 10.62
C PRO A 113 -21.84 4.37 11.86
N SER A 114 -20.93 5.33 11.69
CA SER A 114 -20.40 6.12 12.79
C SER A 114 -21.03 7.50 12.80
N GLU A 115 -21.47 7.94 13.98
CA GLU A 115 -22.00 9.29 14.13
C GLU A 115 -20.90 10.32 13.83
N LEU A 116 -21.26 11.35 13.08
CA LEU A 116 -20.32 12.38 12.67
C LEU A 116 -20.44 13.58 13.61
N LYS A 117 -19.30 14.10 14.06
CA LYS A 117 -19.26 15.24 14.97
C LYS A 117 -18.90 16.49 14.17
N PHE A 118 -19.72 17.53 14.31
CA PHE A 118 -19.53 18.76 13.54
C PHE A 118 -18.87 19.86 14.35
N ASP A 119 -19.20 19.98 15.64
CA ASP A 119 -18.66 21.05 16.47
C ASP A 119 -18.15 20.58 17.82
N THR A 120 -18.40 19.33 18.22
CA THR A 120 -17.92 18.86 19.51
C THR A 120 -16.40 18.73 19.53
N VAL A 121 -15.80 18.41 18.39
CA VAL A 121 -14.36 18.22 18.27
C VAL A 121 -13.81 19.26 17.31
N ARG A 122 -12.75 19.94 17.74
CA ARG A 122 -12.11 20.96 16.92
C ARG A 122 -10.97 20.33 16.11
N VAL A 123 -11.04 20.49 14.79
CA VAL A 123 -9.98 20.01 13.91
C VAL A 123 -8.90 21.08 13.78
N GLY A 124 -7.66 20.62 13.67
CA GLY A 124 -6.52 21.51 13.55
C GLY A 124 -6.47 22.24 12.22
N SER A 125 -5.27 22.61 11.81
CA SER A 125 -5.07 23.43 10.63
C SER A 125 -4.06 22.78 9.69
N ASP A 126 -4.23 23.02 8.39
CA ASP A 126 -3.37 22.46 7.37
C ASP A 126 -2.44 23.53 6.84
N PRO A 127 -1.14 23.45 7.10
CA PRO A 127 -0.20 24.50 6.68
C PRO A 127 0.45 24.29 5.32
N VAL A 128 0.01 23.32 4.53
CA VAL A 128 0.66 23.02 3.26
C VAL A 128 -0.25 23.28 2.05
N HIS A 129 -1.57 23.35 2.25
CA HIS A 129 -2.47 23.51 1.12
C HIS A 129 -2.25 24.84 0.40
N ASN A 130 -2.01 25.92 1.14
CA ASN A 130 -1.82 27.22 0.50
C ASN A 130 -0.60 27.22 -0.40
N ASP A 131 0.52 26.66 0.09
CA ASP A 131 1.71 26.56 -0.74
C ASP A 131 1.46 25.68 -1.97
N LEU A 132 0.76 24.56 -1.77
CA LEU A 132 0.48 23.67 -2.90
C LEU A 132 -0.36 24.37 -3.96
N VAL A 133 -1.38 25.11 -3.53
CA VAL A 133 -2.22 25.84 -4.47
C VAL A 133 -1.44 26.92 -5.19
N SER A 134 -0.63 27.69 -4.44
CA SER A 134 0.16 28.74 -5.07
C SER A 134 1.16 28.17 -6.06
N ALA A 135 1.60 26.93 -5.86
CA ALA A 135 2.53 26.32 -6.82
C ALA A 135 1.81 25.77 -8.04
N TYR A 136 0.84 24.88 -7.84
CA TYR A 136 0.19 24.19 -8.94
C TYR A 136 -1.28 24.57 -9.13
N GLY A 137 -2.11 24.40 -8.11
CA GLY A 137 -3.52 24.67 -8.24
C GLY A 137 -4.33 23.88 -7.22
N PRO A 138 -5.65 23.85 -7.41
CA PRO A 138 -6.52 23.17 -6.43
C PRO A 138 -6.50 21.66 -6.57
N ASN A 139 -6.35 21.16 -7.80
CA ASN A 139 -6.40 19.73 -8.04
C ASN A 139 -5.19 19.04 -7.43
N MET A 140 -5.41 17.87 -6.83
CA MET A 140 -4.36 17.10 -6.18
C MET A 140 -3.83 16.03 -7.12
N TYR A 141 -2.51 15.97 -7.23
CA TYR A 141 -1.83 15.05 -8.14
C TYR A 141 -1.46 13.76 -7.42
N LEU A 142 -2.50 13.06 -6.95
CA LEU A 142 -2.33 11.80 -6.24
C LEU A 142 -3.22 10.74 -6.87
N MET A 143 -2.79 9.49 -6.75
CA MET A 143 -3.54 8.38 -7.30
C MET A 143 -4.64 7.91 -6.35
N HIS A 144 -5.68 7.32 -6.94
CA HIS A 144 -6.70 6.60 -6.19
C HIS A 144 -6.37 5.12 -6.28
N TRP A 145 -6.47 4.41 -5.14
CA TRP A 145 -5.82 3.11 -5.05
C TRP A 145 -6.55 2.03 -5.84
N LEU A 146 -7.88 2.02 -5.81
CA LEU A 146 -8.66 0.91 -6.37
C LEU A 146 -9.50 1.38 -7.55
N MET A 147 -9.46 0.63 -8.65
CA MET A 147 -10.29 0.95 -9.80
C MET A 147 -10.85 -0.32 -10.43
N ASP A 148 -12.09 -0.22 -10.91
CA ASP A 148 -12.76 -1.31 -11.62
C ASP A 148 -12.53 -1.11 -13.12
N VAL A 149 -11.61 -1.88 -13.68
CA VAL A 149 -11.16 -1.63 -15.05
C VAL A 149 -12.29 -1.85 -16.05
N ASP A 150 -12.98 -2.99 -15.94
CA ASP A 150 -13.93 -3.42 -16.95
C ASP A 150 -15.37 -3.27 -16.50
N ASN A 151 -15.62 -2.48 -15.45
CA ASN A 151 -16.97 -2.24 -14.95
C ASN A 151 -17.67 -3.54 -14.57
N TRP A 152 -16.94 -4.41 -13.86
CA TRP A 152 -17.51 -5.68 -13.44
C TRP A 152 -18.67 -5.48 -12.47
N TYR A 153 -18.53 -4.54 -11.55
CA TYR A 153 -19.62 -4.24 -10.62
C TYR A 153 -20.73 -3.43 -11.27
N GLY A 154 -20.49 -2.86 -12.45
CA GLY A 154 -21.53 -2.16 -13.18
C GLY A 154 -21.92 -0.82 -12.64
N PHE A 155 -21.05 -0.17 -11.87
CA PHE A 155 -21.38 1.12 -11.28
C PHE A 155 -21.32 2.25 -12.29
N GLY A 156 -20.63 2.06 -13.42
CA GLY A 156 -20.53 3.06 -14.45
C GLY A 156 -21.44 2.76 -15.63
N THR A 157 -21.05 3.29 -16.79
CA THR A 157 -21.80 3.11 -18.03
C THR A 157 -20.91 2.44 -19.06
N GLY A 158 -21.37 1.32 -19.61
CA GLY A 158 -20.59 0.61 -20.61
C GLY A 158 -19.39 -0.09 -20.01
N THR A 159 -18.29 -0.09 -20.75
CA THR A 159 -17.06 -0.73 -20.35
C THR A 159 -16.12 0.22 -19.61
N ARG A 160 -16.45 1.50 -19.54
CA ARG A 160 -15.53 2.49 -18.99
C ARG A 160 -15.21 2.21 -17.53
N ALA A 161 -13.97 2.46 -17.15
CA ALA A 161 -13.48 2.15 -15.82
C ALA A 161 -14.10 3.06 -14.76
N THR A 162 -14.13 2.58 -13.53
CA THR A 162 -14.75 3.29 -12.42
C THR A 162 -13.89 3.16 -11.17
N PHE A 163 -13.72 4.27 -10.45
CA PHE A 163 -13.08 4.19 -9.15
C PHE A 163 -14.05 3.61 -8.13
N ILE A 164 -13.52 2.73 -7.26
CA ILE A 164 -14.31 2.05 -6.25
C ILE A 164 -13.58 2.08 -4.91
N ASN A 165 -14.35 1.98 -3.83
CA ASN A 165 -13.82 1.95 -2.47
C ASN A 165 -14.39 0.75 -1.73
N THR A 166 -13.54 0.05 -0.98
CA THR A 166 -13.96 -1.12 -0.21
C THR A 166 -13.76 -0.96 1.28
N PHE A 167 -12.54 -0.64 1.72
CA PHE A 167 -12.19 -0.63 3.14
C PHE A 167 -12.67 0.68 3.77
N GLN A 168 -13.74 0.60 4.56
CA GLN A 168 -14.30 1.79 5.18
C GLN A 168 -14.73 1.61 6.64
N ARG A 169 -14.80 0.39 7.17
CA ARG A 169 -15.50 0.12 8.41
C ARG A 169 -14.58 -0.41 9.51
N GLY A 170 -13.38 0.14 9.63
CA GLY A 170 -12.58 -0.08 10.82
C GLY A 170 -11.53 -1.18 10.76
N GLU A 171 -11.29 -1.81 11.91
CA GLU A 171 -10.18 -2.73 12.11
C GLU A 171 -10.53 -4.19 11.79
N GLN A 172 -11.71 -4.63 12.24
CA GLN A 172 -12.10 -6.04 12.11
C GLN A 172 -12.80 -6.34 10.79
N GLU A 173 -12.91 -5.37 9.89
CA GLU A 173 -13.50 -5.58 8.59
C GLU A 173 -12.41 -6.09 7.64
N SER A 174 -12.40 -7.38 7.38
CA SER A 174 -11.50 -7.99 6.43
C SER A 174 -12.01 -7.78 5.00
N THR A 175 -11.36 -8.42 4.04
CA THR A 175 -11.85 -8.35 2.67
C THR A 175 -13.23 -8.98 2.54
N TRP A 176 -13.46 -10.08 3.25
CA TRP A 176 -14.71 -10.81 3.12
C TRP A 176 -15.90 -10.05 3.70
N GLU A 177 -15.66 -8.97 4.44
CA GLU A 177 -16.73 -8.16 5.02
C GLU A 177 -16.85 -6.78 4.37
N THR A 178 -16.24 -6.57 3.21
CA THR A 178 -16.35 -5.29 2.52
C THR A 178 -17.56 -5.28 1.59
N ILE A 179 -18.14 -4.10 1.42
CA ILE A 179 -19.20 -3.86 0.44
C ILE A 179 -18.65 -2.88 -0.60
N PRO A 180 -18.29 -3.35 -1.80
CA PRO A 180 -17.70 -2.45 -2.79
C PRO A 180 -18.71 -1.45 -3.32
N HIS A 181 -18.31 -0.18 -3.37
CA HIS A 181 -19.15 0.92 -3.79
C HIS A 181 -18.33 1.88 -4.65
N PRO A 182 -18.97 2.65 -5.53
CA PRO A 182 -18.22 3.57 -6.38
C PRO A 182 -17.71 4.78 -5.59
N SER A 183 -16.57 5.31 -6.01
CA SER A 183 -16.03 6.51 -5.37
C SER A 183 -16.83 7.74 -5.76
N ILE A 184 -17.10 7.92 -7.05
CA ILE A 184 -17.91 9.03 -7.53
C ILE A 184 -19.36 8.63 -7.39
N GLU A 185 -20.01 9.10 -6.32
CA GLU A 185 -21.37 8.71 -6.00
C GLU A 185 -22.35 9.57 -6.79
N GLU A 186 -23.26 8.91 -7.51
CA GLU A 186 -24.29 9.59 -8.27
C GLU A 186 -25.70 9.16 -7.86
N PHE A 187 -25.84 8.47 -6.74
CA PHE A 187 -27.10 8.02 -6.16
C PHE A 187 -27.84 7.00 -7.02
N LYS A 188 -27.21 6.49 -8.08
CA LYS A 188 -27.91 5.59 -9.00
C LYS A 188 -28.19 4.24 -8.36
N TYR A 189 -27.19 3.65 -7.72
CA TYR A 189 -27.26 2.29 -7.21
C TYR A 189 -27.22 2.28 -5.69
N GLY A 190 -27.15 1.09 -5.11
CA GLY A 190 -27.21 0.95 -3.68
C GLY A 190 -28.61 1.21 -3.17
N GLY A 191 -28.69 1.55 -1.89
CA GLY A 191 -29.94 1.92 -1.28
C GLY A 191 -30.23 3.38 -1.48
N PRO A 192 -31.16 3.92 -0.71
CA PRO A 192 -31.35 5.37 -0.70
C PRO A 192 -30.10 6.06 -0.16
N ASN A 193 -29.86 7.28 -0.66
CA ASN A 193 -28.68 8.07 -0.29
C ASN A 193 -27.38 7.43 -0.78
N GLY A 194 -27.44 6.68 -1.87
CA GLY A 194 -26.25 5.99 -2.36
C GLY A 194 -25.79 4.95 -1.35
N PHE A 195 -24.48 4.68 -1.36
CA PHE A 195 -23.87 3.82 -0.36
C PHE A 195 -23.34 4.61 0.84
N LEU A 196 -23.60 5.92 0.88
CA LEU A 196 -23.03 6.77 1.93
C LEU A 196 -23.54 6.38 3.30
N ASP A 197 -24.83 6.04 3.40
CA ASP A 197 -25.44 5.79 4.70
C ASP A 197 -24.90 4.54 5.38
N LEU A 198 -24.15 3.71 4.67
CA LEU A 198 -23.60 2.51 5.29
C LEU A 198 -22.48 2.85 6.26
N PHE A 199 -21.67 3.86 5.96
CA PHE A 199 -20.44 4.13 6.69
C PHE A 199 -20.49 5.41 7.52
N THR A 200 -20.78 6.54 6.88
CA THR A 200 -20.81 7.83 7.55
C THR A 200 -22.25 8.26 7.79
N LYS A 201 -22.58 8.55 9.05
CA LYS A 201 -23.94 8.90 9.43
C LYS A 201 -24.11 10.42 9.42
N ASP A 202 -24.97 10.91 8.54
CA ASP A 202 -25.22 12.33 8.38
C ASP A 202 -26.73 12.60 8.42
N ARG A 203 -27.08 13.82 8.83
CA ARG A 203 -28.49 14.22 8.75
C ARG A 203 -28.95 14.37 7.31
N SER A 204 -28.10 14.95 6.46
CA SER A 204 -28.42 15.15 5.05
C SER A 204 -27.32 14.55 4.19
N TYR A 205 -27.71 13.87 3.13
CA TYR A 205 -26.79 13.20 2.22
C TYR A 205 -26.90 13.83 0.84
N ALA A 206 -25.76 14.01 0.17
CA ALA A 206 -25.70 14.64 -1.13
C ALA A 206 -24.74 13.90 -2.03
N LYS A 207 -24.79 14.22 -3.31
CA LYS A 207 -23.86 13.64 -4.27
C LYS A 207 -22.44 14.03 -3.92
N GLN A 208 -21.53 13.06 -3.98
CA GLN A 208 -20.16 13.26 -3.50
C GLN A 208 -19.18 12.59 -4.44
N TRP A 209 -17.92 12.99 -4.33
CA TRP A 209 -16.81 12.28 -4.95
C TRP A 209 -15.68 12.16 -3.92
N ARG A 210 -15.08 10.98 -3.83
CA ARG A 210 -14.07 10.66 -2.85
C ARG A 210 -12.87 10.03 -3.56
N TYR A 211 -11.68 10.26 -3.02
CA TYR A 211 -10.48 9.60 -3.51
C TYR A 211 -9.55 9.33 -2.34
N THR A 212 -9.18 8.07 -2.18
CA THR A 212 -8.21 7.64 -1.16
C THR A 212 -6.94 7.20 -1.86
N ASN A 213 -5.79 7.46 -1.24
CA ASN A 213 -4.53 7.05 -1.80
C ASN A 213 -3.82 6.05 -0.89
N ALA A 214 -2.86 5.33 -1.45
CA ALA A 214 -2.00 4.46 -0.67
C ALA A 214 -0.57 4.98 -0.78
N PRO A 215 -0.06 5.70 0.22
CA PRO A 215 1.28 6.32 0.09
C PRO A 215 2.38 5.34 -0.26
N ASP A 216 2.18 4.05 -0.02
CA ASP A 216 3.11 3.05 -0.52
C ASP A 216 3.23 3.13 -2.04
N ALA A 217 2.09 3.26 -2.73
CA ALA A 217 2.09 3.34 -4.18
C ALA A 217 2.78 4.60 -4.69
N GLU A 218 2.47 5.76 -4.09
CA GLU A 218 3.10 7.00 -4.51
C GLU A 218 4.60 6.98 -4.23
N GLY A 219 5.00 6.43 -3.09
CA GLY A 219 6.43 6.33 -2.80
C GLY A 219 7.15 5.45 -3.80
N ARG A 220 6.55 4.31 -4.15
CA ARG A 220 7.16 3.45 -5.16
C ARG A 220 7.18 4.12 -6.52
N ALA A 221 6.15 4.89 -6.85
CA ALA A 221 6.13 5.63 -8.12
C ALA A 221 7.25 6.67 -8.17
N ILE A 222 7.45 7.40 -7.07
CA ILE A 222 8.49 8.43 -7.04
C ILE A 222 9.87 7.78 -7.09
N GLN A 223 10.07 6.66 -6.40
CA GLN A 223 11.35 5.97 -6.47
C GLN A 223 11.60 5.41 -7.86
N ALA A 224 10.56 4.87 -8.50
CA ALA A 224 10.70 4.38 -9.87
C ALA A 224 11.04 5.52 -10.83
N THR A 225 10.41 6.69 -10.64
CA THR A 225 10.72 7.83 -11.49
C THR A 225 12.14 8.30 -11.28
N TYR A 226 12.62 8.29 -10.02
CA TYR A 226 14.00 8.68 -9.75
C TYR A 226 14.99 7.75 -10.43
N TRP A 227 14.75 6.44 -10.32
CA TRP A 227 15.65 5.48 -10.96
C TRP A 227 15.57 5.57 -12.48
N ALA A 228 14.36 5.78 -13.02
CA ALA A 228 14.20 5.96 -14.45
C ALA A 228 14.94 7.20 -14.92
N ASN A 229 14.89 8.29 -14.16
CA ASN A 229 15.61 9.50 -14.53
C ASN A 229 17.12 9.27 -14.50
N GLN A 230 17.62 8.54 -13.50
CA GLN A 230 19.05 8.28 -13.47
C GLN A 230 19.49 7.42 -14.66
N TRP A 231 18.73 6.35 -14.95
CA TRP A 231 19.09 5.48 -16.07
C TRP A 231 18.94 6.21 -17.39
N ALA A 232 17.95 7.10 -17.51
CA ALA A 232 17.76 7.88 -18.72
C ALA A 232 18.92 8.85 -18.93
N LYS A 233 19.35 9.52 -17.86
CA LYS A 233 20.51 10.39 -17.96
C LYS A 233 21.75 9.60 -18.35
N GLU A 234 21.86 8.36 -17.88
CA GLU A 234 22.92 7.49 -18.38
C GLU A 234 22.76 7.24 -19.87
N HIS A 235 21.53 6.98 -20.32
CA HIS A 235 21.29 6.78 -21.75
C HIS A 235 21.37 8.09 -22.53
N GLY A 236 20.75 9.16 -22.00
CA GLY A 236 20.64 10.42 -22.70
C GLY A 236 19.22 10.85 -22.98
N VAL A 237 18.22 10.13 -22.48
CA VAL A 237 16.82 10.47 -22.69
C VAL A 237 16.42 11.58 -21.74
N ASN A 238 15.60 12.51 -22.22
CA ASN A 238 15.11 13.62 -21.42
C ASN A 238 13.72 13.27 -20.87
N LEU A 239 13.60 13.25 -19.55
CA LEU A 239 12.36 12.91 -18.87
C LEU A 239 11.94 14.03 -17.93
N SER A 240 12.22 15.28 -18.32
CA SER A 240 12.00 16.40 -17.42
C SER A 240 10.53 16.55 -17.05
N GLN A 241 9.64 16.36 -18.03
CA GLN A 241 8.20 16.49 -17.76
C GLN A 241 7.73 15.47 -16.74
N TYR A 242 8.20 14.21 -16.88
CA TYR A 242 7.75 13.16 -15.98
C TYR A 242 8.46 13.25 -14.63
N VAL A 243 9.70 13.73 -14.61
CA VAL A 243 10.36 14.03 -13.34
C VAL A 243 9.59 15.11 -12.60
N LYS A 244 9.11 16.12 -13.33
CA LYS A 244 8.30 17.15 -12.70
C LYS A 244 6.95 16.59 -12.22
N LYS A 245 6.38 15.66 -12.98
CA LYS A 245 5.16 14.99 -12.53
C LYS A 245 5.38 14.26 -11.22
N ALA A 246 6.49 13.52 -11.11
CA ALA A 246 6.80 12.83 -9.86
C ALA A 246 7.13 13.81 -8.75
N SER A 247 7.74 14.96 -9.10
CA SER A 247 8.06 15.97 -8.10
C SER A 247 6.79 16.58 -7.51
N ARG A 248 5.80 16.87 -8.34
CA ARG A 248 4.54 17.40 -7.81
C ARG A 248 3.76 16.32 -7.08
N MET A 249 3.87 15.07 -7.51
CA MET A 249 3.30 13.97 -6.74
C MET A 249 3.93 13.90 -5.35
N GLY A 250 5.26 14.05 -5.28
CA GLY A 250 5.92 14.04 -3.98
C GLY A 250 5.56 15.25 -3.12
N ASP A 251 5.36 16.40 -3.76
CA ASP A 251 4.93 17.57 -3.02
C ASP A 251 3.54 17.37 -2.43
N PHE A 252 2.64 16.74 -3.19
CA PHE A 252 1.31 16.45 -2.66
C PHE A 252 1.34 15.31 -1.64
N LEU A 253 2.37 14.47 -1.69
CA LEU A 253 2.53 13.37 -0.73
C LEU A 253 2.75 13.86 0.70
N ARG A 254 3.06 15.13 0.89
CA ARG A 254 3.29 15.67 2.23
C ARG A 254 2.00 15.79 3.04
N ASN A 255 0.84 15.52 2.44
CA ASN A 255 -0.39 15.44 3.20
C ASN A 255 -0.43 14.19 4.08
N ASP A 256 0.29 13.14 3.68
CA ASP A 256 0.39 11.91 4.47
C ASP A 256 1.22 12.10 5.74
N MET A 257 2.10 13.09 5.77
CA MET A 257 3.01 13.33 6.88
C MET A 257 2.33 13.95 8.08
N PHE A 258 1.00 14.01 8.11
CA PHE A 258 0.27 14.72 9.14
C PHE A 258 -0.74 13.80 9.82
N ASP A 259 -1.18 14.22 11.00
CA ASP A 259 -2.23 13.51 11.71
C ASP A 259 -3.53 13.60 10.95
N LYS A 260 -4.44 12.65 11.23
CA LYS A 260 -5.68 12.54 10.48
C LYS A 260 -6.48 13.83 10.53
N TYR A 261 -6.60 14.43 11.71
CA TYR A 261 -7.34 15.67 11.89
C TYR A 261 -6.43 16.84 12.21
N PHE A 262 -5.14 16.71 11.90
CA PHE A 262 -4.16 17.77 12.14
C PHE A 262 -4.12 18.17 13.61
N MET A 263 -3.82 17.20 14.46
CA MET A 263 -3.75 17.37 15.90
C MET A 263 -2.33 17.12 16.40
N LYS A 264 -2.04 17.63 17.59
CA LYS A 264 -0.68 17.54 18.13
C LYS A 264 -0.26 16.09 18.29
N ILE A 265 0.93 15.77 17.79
CA ILE A 265 1.42 14.40 17.86
C ILE A 265 1.99 14.13 19.25
N GLY A 266 1.57 13.03 19.86
CA GLY A 266 1.94 12.72 21.21
C GLY A 266 1.09 13.38 22.27
N ALA A 267 0.03 14.09 21.88
CA ALA A 267 -0.79 14.80 22.85
C ALA A 267 -1.68 13.87 23.67
N GLN A 268 -1.88 12.63 23.22
CA GLN A 268 -2.76 11.66 23.88
C GLN A 268 -4.18 12.18 24.02
N ASP A 269 -4.58 13.13 23.18
CA ASP A 269 -5.90 13.72 23.25
C ASP A 269 -6.21 14.39 21.92
N LYS A 270 -7.47 14.79 21.74
CA LYS A 270 -7.90 15.48 20.53
C LYS A 270 -7.71 16.99 20.68
N THR A 271 -6.43 17.37 20.84
CA THR A 271 -6.07 18.78 21.00
C THR A 271 -5.64 19.34 19.66
N PRO A 272 -6.34 20.34 19.12
CA PRO A 272 -5.99 20.87 17.79
C PRO A 272 -4.56 21.42 17.77
N ALA A 273 -3.93 21.30 16.61
CA ALA A 273 -2.55 21.72 16.43
C ALA A 273 -2.46 22.84 15.42
N THR A 274 -1.49 23.73 15.63
CA THR A 274 -1.17 24.77 14.67
C THR A 274 -0.24 24.17 13.60
N GLY A 275 0.16 24.97 12.62
CA GLY A 275 0.98 24.47 11.52
C GLY A 275 2.25 23.79 11.95
N TYR A 276 2.52 22.61 11.37
CA TYR A 276 3.69 21.78 11.59
C TYR A 276 3.77 21.21 13.00
N ASP A 277 2.81 21.49 13.87
CA ASP A 277 2.71 20.84 15.17
C ASP A 277 1.89 19.56 15.11
N SER A 278 1.34 19.23 13.95
CA SER A 278 0.58 18.01 13.75
C SER A 278 1.27 17.03 12.81
N ALA A 279 2.46 17.35 12.33
CA ALA A 279 3.19 16.49 11.41
C ALA A 279 4.05 15.52 12.22
N HIS A 280 3.79 14.23 12.07
CA HIS A 280 4.67 13.23 12.64
C HIS A 280 5.76 12.79 11.68
N TYR A 281 5.79 13.37 10.48
CA TYR A 281 6.87 13.18 9.51
C TYR A 281 7.03 11.72 9.12
N LEU A 282 5.94 10.97 9.17
CA LEU A 282 5.92 9.55 8.83
C LEU A 282 4.85 9.30 7.79
N MET A 283 5.13 8.40 6.85
CA MET A 283 4.12 7.94 5.90
C MET A 283 3.01 7.21 6.65
N ALA A 284 1.83 7.81 6.69
CA ALA A 284 0.68 7.19 7.33
C ALA A 284 0.07 6.14 6.40
N TRP A 285 -1.06 5.57 6.80
CA TRP A 285 -1.67 4.50 6.02
C TRP A 285 -2.29 5.05 4.73
N TYR A 286 -2.90 6.22 4.79
CA TYR A 286 -3.63 6.76 3.65
C TYR A 286 -3.86 8.26 3.86
N THR A 287 -4.23 8.94 2.78
CA THR A 287 -4.91 10.22 2.86
C THR A 287 -6.09 10.19 1.89
N ALA A 288 -7.15 10.90 2.26
CA ALA A 288 -8.39 10.91 1.49
C ALA A 288 -8.85 12.34 1.28
N TRP A 289 -9.17 12.66 0.03
CA TRP A 289 -9.70 13.98 -0.30
C TRP A 289 -10.94 13.84 -1.15
N GLY A 290 -11.86 14.77 -0.97
CA GLY A 290 -13.11 14.66 -1.70
C GLY A 290 -13.85 15.97 -1.76
N GLY A 291 -14.99 15.94 -2.44
CA GLY A 291 -15.81 17.12 -2.60
C GLY A 291 -17.22 16.75 -3.00
N GLY A 292 -18.02 17.78 -3.27
CA GLY A 292 -19.40 17.61 -3.65
C GLY A 292 -19.59 17.68 -5.15
N ILE A 293 -20.63 17.00 -5.63
CA ILE A 293 -21.00 17.02 -7.04
C ILE A 293 -22.17 17.99 -7.20
N GLY A 294 -21.97 19.03 -7.99
CA GLY A 294 -22.96 20.07 -8.14
C GLY A 294 -22.95 21.10 -7.03
N ALA A 295 -22.05 20.98 -6.06
CA ALA A 295 -21.90 21.93 -4.98
C ALA A 295 -20.43 22.28 -4.82
N SER A 296 -20.15 23.30 -4.02
CA SER A 296 -18.81 23.85 -3.89
C SER A 296 -18.31 23.64 -2.46
N TRP A 297 -17.68 22.49 -2.23
CA TRP A 297 -17.00 22.22 -0.97
C TRP A 297 -16.00 21.08 -1.19
N ALA A 298 -15.05 20.96 -0.27
CA ALA A 298 -14.03 19.93 -0.36
C ALA A 298 -13.44 19.67 1.02
N TRP A 299 -12.73 18.55 1.13
CA TRP A 299 -12.16 18.13 2.40
C TRP A 299 -10.93 17.24 2.17
N LYS A 300 -10.06 17.20 3.17
CA LYS A 300 -8.87 16.38 3.18
C LYS A 300 -8.64 15.81 4.58
N ILE A 301 -8.17 14.56 4.64
CA ILE A 301 -7.75 13.93 5.89
C ILE A 301 -6.48 13.14 5.64
N GLY A 302 -5.61 13.09 6.63
CA GLY A 302 -4.48 12.19 6.70
C GLY A 302 -4.80 10.96 7.52
N CYS A 303 -3.79 10.44 8.21
CA CYS A 303 -3.99 9.25 9.05
C CYS A 303 -3.03 9.30 10.22
N SER A 304 -3.52 8.91 11.40
CA SER A 304 -2.66 8.86 12.58
C SER A 304 -1.76 7.64 12.55
N HIS A 305 -2.27 6.49 12.12
CA HIS A 305 -1.52 5.25 12.19
C HIS A 305 -0.36 5.28 11.22
N ALA A 306 0.80 4.81 11.68
CA ALA A 306 1.98 4.64 10.85
C ALA A 306 2.39 3.19 10.93
N HIS A 307 2.57 2.56 9.77
CA HIS A 307 3.01 1.17 9.69
C HIS A 307 4.41 1.13 9.12
N ALA A 308 5.27 0.31 9.73
CA ALA A 308 6.66 0.24 9.31
C ALA A 308 6.79 -0.21 7.86
N GLY A 309 5.82 -0.97 7.37
CA GLY A 309 5.85 -1.43 5.98
C GLY A 309 5.50 -0.38 4.96
N TYR A 310 5.04 0.79 5.40
CA TYR A 310 4.68 1.88 4.50
C TYR A 310 5.74 2.97 4.39
N GLN A 311 6.69 3.00 5.31
CA GLN A 311 7.72 4.04 5.29
C GLN A 311 8.69 3.82 4.14
N ASN A 312 9.08 4.90 3.48
CA ASN A 312 10.00 4.86 2.35
C ASN A 312 11.08 5.90 2.56
N PRO A 313 12.18 5.54 3.22
CA PRO A 313 13.28 6.50 3.40
C PRO A 313 13.88 6.97 2.09
N MET A 314 13.88 6.13 1.06
CA MET A 314 14.45 6.50 -0.23
C MET A 314 13.69 7.67 -0.86
N THR A 315 12.36 7.62 -0.80
CA THR A 315 11.56 8.71 -1.37
C THR A 315 11.80 10.02 -0.63
N ALA A 316 11.89 9.97 0.70
CA ALA A 316 12.17 11.17 1.47
C ALA A 316 13.53 11.75 1.11
N TRP A 317 14.54 10.88 0.98
CA TRP A 317 15.86 11.34 0.55
C TRP A 317 15.80 11.99 -0.83
N ILE A 318 15.12 11.36 -1.78
CA ILE A 318 15.05 11.90 -3.14
C ILE A 318 14.37 13.26 -3.13
N LEU A 319 13.26 13.39 -2.41
CA LEU A 319 12.51 14.63 -2.45
C LEU A 319 13.13 15.73 -1.59
N ALA A 320 14.06 15.39 -0.70
CA ALA A 320 14.74 16.40 0.10
C ALA A 320 16.06 16.85 -0.52
N ASN A 321 16.90 15.91 -0.95
CA ASN A 321 18.27 16.22 -1.37
C ASN A 321 18.52 15.92 -2.84
N ASP A 322 17.60 16.32 -3.71
CA ASP A 322 17.79 16.24 -5.16
C ASP A 322 17.28 17.53 -5.77
N PRO A 323 18.14 18.35 -6.38
CA PRO A 323 17.65 19.60 -6.99
C PRO A 323 16.65 19.38 -8.11
N GLU A 324 16.80 18.31 -8.89
CA GLU A 324 15.88 18.07 -10.01
C GLU A 324 14.48 17.76 -9.50
N PHE A 325 14.38 17.03 -8.39
CA PHE A 325 13.10 16.64 -7.82
C PHE A 325 12.58 17.64 -6.80
N LYS A 326 13.24 18.78 -6.66
CA LYS A 326 12.88 19.73 -5.61
C LYS A 326 11.47 20.26 -5.85
N PRO A 327 10.58 20.16 -4.87
CA PRO A 327 9.21 20.66 -5.06
C PRO A 327 9.19 22.16 -5.30
N GLU A 328 8.16 22.60 -6.02
CA GLU A 328 8.01 24.03 -6.32
C GLU A 328 7.79 24.84 -5.05
N SER A 329 7.06 24.28 -4.10
CA SER A 329 6.87 24.97 -2.82
C SER A 329 8.22 25.08 -2.09
N PRO A 330 8.55 26.23 -1.53
CA PRO A 330 9.85 26.37 -0.85
C PRO A 330 10.01 25.46 0.36
N ASN A 331 8.93 25.12 1.05
CA ASN A 331 9.02 24.35 2.28
C ASN A 331 9.05 22.83 2.06
N GLY A 332 8.96 22.35 0.83
CA GLY A 332 8.92 20.92 0.60
C GLY A 332 10.22 20.22 0.99
N ALA A 333 11.36 20.81 0.60
CA ALA A 333 12.64 20.18 0.86
C ALA A 333 12.90 20.04 2.36
N ASN A 334 12.59 21.07 3.14
CA ASN A 334 12.81 21.00 4.58
C ASN A 334 11.93 19.94 5.23
N ASP A 335 10.66 19.86 4.80
CA ASP A 335 9.76 18.85 5.35
C ASP A 335 10.23 17.44 5.03
N TRP A 336 10.71 17.21 3.80
CA TRP A 336 11.22 15.89 3.48
C TRP A 336 12.52 15.59 4.21
N ALA A 337 13.33 16.61 4.46
CA ALA A 337 14.55 16.43 5.25
C ALA A 337 14.22 15.99 6.67
N LYS A 338 13.19 16.59 7.27
CA LYS A 338 12.76 16.14 8.60
C LYS A 338 12.18 14.72 8.54
N SER A 339 11.40 14.44 7.50
CA SER A 339 10.72 13.15 7.40
C SER A 339 11.72 12.00 7.30
N LEU A 340 12.81 12.20 6.55
CA LEU A 340 13.81 11.13 6.41
C LEU A 340 14.37 10.72 7.78
N GLU A 341 14.78 11.69 8.59
CA GLU A 341 15.33 11.40 9.91
C GLU A 341 14.29 10.74 10.81
N ARG A 342 13.04 11.25 10.78
CA ARG A 342 12.01 10.66 11.62
C ARG A 342 11.76 9.20 11.24
N GLN A 343 11.72 8.90 9.94
CA GLN A 343 11.48 7.54 9.49
C GLN A 343 12.63 6.62 9.90
N LEU A 344 13.87 7.09 9.79
CA LEU A 344 15.00 6.26 10.19
C LEU A 344 14.94 5.93 11.69
N GLU A 345 14.61 6.92 12.51
CA GLU A 345 14.51 6.65 13.95
C GLU A 345 13.35 5.71 14.25
N PHE A 346 12.24 5.83 13.50
CA PHE A 346 11.14 4.90 13.65
C PHE A 346 11.59 3.46 13.40
N TYR A 347 12.29 3.24 12.29
CA TYR A 347 12.78 1.91 11.97
C TYR A 347 13.69 1.38 13.08
N GLN A 348 14.60 2.22 13.56
CA GLN A 348 15.49 1.79 14.64
C GLN A 348 14.72 1.41 15.89
N TRP A 349 13.70 2.20 16.23
CA TRP A 349 12.93 1.95 17.45
C TRP A 349 12.20 0.62 17.37
N LEU A 350 11.63 0.28 16.21
CA LEU A 350 10.71 -0.85 16.17
C LEU A 350 11.38 -2.21 16.22
N GLN A 351 12.69 -2.30 16.01
CA GLN A 351 13.33 -3.60 15.90
C GLN A 351 13.29 -4.36 17.22
N SER A 352 13.12 -5.68 17.12
CA SER A 352 12.95 -6.54 18.29
C SER A 352 14.29 -7.15 18.72
N ALA A 353 14.23 -8.02 19.73
CA ALA A 353 15.45 -8.66 20.21
C ALA A 353 16.05 -9.58 19.17
N GLU A 354 15.23 -10.35 18.45
CA GLU A 354 15.74 -11.22 17.40
C GLU A 354 16.12 -10.43 16.15
N GLY A 355 15.35 -9.41 15.82
CA GLY A 355 15.63 -8.59 14.66
C GLY A 355 14.41 -8.22 13.84
N GLY A 356 13.26 -8.81 14.15
CA GLY A 356 12.06 -8.55 13.38
C GLY A 356 11.53 -7.16 13.66
N ILE A 357 11.21 -6.42 12.61
CA ILE A 357 10.69 -5.07 12.72
C ILE A 357 9.23 -5.16 13.12
N ALA A 358 8.91 -4.71 14.34
CA ALA A 358 7.55 -4.84 14.85
C ALA A 358 6.60 -3.92 14.08
N GLY A 359 5.33 -4.02 14.42
CA GLY A 359 4.34 -3.16 13.82
C GLY A 359 4.51 -1.73 14.30
N GLY A 360 4.04 -0.80 13.46
CA GLY A 360 4.30 0.61 13.66
C GLY A 360 3.64 1.21 14.88
N ALA A 361 3.53 2.53 14.87
CA ALA A 361 2.99 3.31 15.97
C ALA A 361 1.71 4.00 15.54
N THR A 362 1.09 4.71 16.48
CA THR A 362 -0.12 5.45 16.22
C THR A 362 -0.17 6.69 17.10
N ASN A 363 -0.85 7.72 16.62
CA ASN A 363 -1.09 8.91 17.42
C ASN A 363 -2.42 8.85 18.16
N SER A 364 -3.35 8.01 17.71
CA SER A 364 -4.63 7.82 18.36
C SER A 364 -4.73 6.38 18.84
N TRP A 365 -5.09 6.20 20.11
CA TRP A 365 -5.24 4.88 20.70
C TRP A 365 -6.67 4.41 20.50
N ASN A 366 -6.84 3.29 19.81
CA ASN A 366 -8.12 2.70 19.42
C ASN A 366 -8.86 3.60 18.43
N GLY A 367 -8.16 4.50 17.75
CA GLY A 367 -8.79 5.40 16.80
C GLY A 367 -9.64 6.48 17.40
N ARG A 368 -9.56 6.69 18.71
CA ARG A 368 -10.41 7.66 19.39
C ARG A 368 -9.62 8.62 20.28
N TYR A 369 -8.31 8.71 20.08
CA TYR A 369 -7.46 9.64 20.82
C TYR A 369 -7.61 9.47 22.33
N GLU A 370 -7.53 8.22 22.78
CA GLU A 370 -7.64 7.89 24.19
C GLU A 370 -6.26 7.73 24.82
N LYS A 371 -6.24 7.82 26.15
CA LYS A 371 -4.98 7.71 26.89
C LYS A 371 -4.37 6.33 26.72
N TYR A 372 -3.06 6.28 26.62
CA TYR A 372 -2.37 5.00 26.48
C TYR A 372 -2.47 4.20 27.77
N PRO A 373 -2.55 2.88 27.70
CA PRO A 373 -2.54 2.07 28.92
C PRO A 373 -1.18 2.13 29.61
N ALA A 374 -1.20 1.82 30.91
CA ALA A 374 0.02 1.86 31.70
C ALA A 374 1.06 0.90 31.15
N GLY A 375 2.31 1.36 31.09
CA GLY A 375 3.40 0.56 30.59
C GLY A 375 3.62 0.62 29.09
N THR A 376 2.80 1.38 28.36
CA THR A 376 2.92 1.46 26.91
C THR A 376 4.13 2.31 26.53
N SER A 377 4.94 1.78 25.61
CA SER A 377 6.08 2.52 25.08
C SER A 377 5.62 3.59 24.10
N THR A 378 6.43 4.63 23.96
CA THR A 378 6.10 5.75 23.07
C THR A 378 7.29 6.07 22.18
N PHE A 379 6.99 6.55 20.98
CA PHE A 379 7.98 7.05 20.02
C PHE A 379 7.58 8.49 19.69
N TYR A 380 8.32 9.45 20.23
CA TYR A 380 7.98 10.86 20.09
C TYR A 380 6.53 11.11 20.52
N GLY A 381 6.11 10.42 21.57
CA GLY A 381 4.76 10.51 22.06
C GLY A 381 3.75 9.60 21.40
N MET A 382 4.17 8.79 20.43
CA MET A 382 3.26 7.90 19.71
C MET A 382 3.37 6.49 20.28
N ALA A 383 2.25 5.94 20.71
CA ALA A 383 2.23 4.64 21.37
C ALA A 383 2.56 3.52 20.38
N TYR A 384 2.95 2.37 20.94
CA TYR A 384 3.32 1.22 20.15
C TYR A 384 2.13 0.27 20.01
N VAL A 385 1.84 -0.14 18.78
CA VAL A 385 0.79 -1.10 18.49
C VAL A 385 1.39 -2.22 17.64
N PRO A 386 1.12 -3.49 17.95
CA PRO A 386 1.71 -4.57 17.14
C PRO A 386 1.11 -4.68 15.75
N HIS A 387 -0.21 -4.53 15.63
CA HIS A 387 -0.92 -4.68 14.36
C HIS A 387 -1.73 -3.43 14.09
N PRO A 388 -1.19 -2.47 13.33
CA PRO A 388 -1.90 -1.21 13.11
C PRO A 388 -2.93 -1.31 12.00
N VAL A 389 -4.01 -0.54 12.16
CA VAL A 389 -5.09 -0.37 11.18
C VAL A 389 -5.96 -1.63 11.08
N TYR A 390 -5.38 -2.75 10.66
CA TYR A 390 -6.14 -3.96 10.40
C TYR A 390 -5.72 -5.06 11.37
N ALA A 391 -6.71 -5.70 11.99
CA ALA A 391 -6.46 -6.73 12.99
C ALA A 391 -7.14 -8.05 12.71
N ASP A 392 -8.06 -8.13 11.75
CA ASP A 392 -8.74 -9.40 11.49
C ASP A 392 -7.76 -10.50 11.04
N PRO A 393 -6.92 -10.29 10.03
CA PRO A 393 -5.86 -11.28 9.76
C PRO A 393 -4.50 -10.93 10.37
N GLY A 394 -4.36 -9.77 10.99
CA GLY A 394 -3.08 -9.34 11.54
C GLY A 394 -2.31 -8.51 10.53
N SER A 395 -2.13 -7.22 10.84
CA SER A 395 -1.48 -6.33 9.89
C SER A 395 -0.02 -6.69 9.68
N ASN A 396 0.69 -7.00 10.78
CA ASN A 396 2.09 -7.39 10.71
C ASN A 396 2.29 -8.90 10.81
N GLN A 397 1.22 -9.69 10.71
CA GLN A 397 1.38 -11.13 10.60
C GLN A 397 2.02 -11.51 9.27
N TRP A 398 1.73 -10.76 8.21
CA TRP A 398 2.32 -11.05 6.92
C TRP A 398 3.80 -10.72 6.91
N PHE A 399 4.60 -11.64 6.37
CA PHE A 399 6.05 -11.46 6.31
C PHE A 399 6.50 -10.62 5.13
N GLY A 400 5.61 -10.34 4.17
CA GLY A 400 6.02 -9.55 3.01
C GLY A 400 6.34 -8.12 3.36
N PHE A 401 5.73 -7.60 4.44
CA PHE A 401 6.00 -6.23 4.86
C PHE A 401 7.44 -6.05 5.31
N GLN A 402 8.02 -7.05 5.95
CA GLN A 402 9.42 -6.97 6.35
C GLN A 402 10.31 -6.72 5.14
N ALA A 403 10.14 -7.55 4.10
CA ALA A 403 10.94 -7.38 2.88
C ALA A 403 10.64 -6.05 2.21
N TRP A 404 9.36 -5.66 2.16
CA TRP A 404 8.97 -4.43 1.48
C TRP A 404 9.63 -3.21 2.11
N SER A 405 9.58 -3.11 3.44
CA SER A 405 10.16 -1.94 4.10
C SER A 405 11.68 -2.00 4.13
N MET A 406 12.25 -3.19 4.34
CA MET A 406 13.70 -3.28 4.41
C MET A 406 14.36 -3.08 3.06
N GLN A 407 13.63 -3.36 1.96
CA GLN A 407 14.17 -3.04 0.65
C GLN A 407 14.38 -1.54 0.48
N ARG A 408 13.41 -0.74 0.92
CA ARG A 408 13.57 0.71 0.88
C ARG A 408 14.70 1.17 1.79
N VAL A 409 14.76 0.62 3.01
CA VAL A 409 15.81 1.02 3.93
C VAL A 409 17.18 0.70 3.35
N MET A 410 17.34 -0.46 2.74
CA MET A 410 18.62 -0.85 2.19
C MET A 410 18.95 -0.09 0.92
N GLU A 411 17.96 0.27 0.11
CA GLU A 411 18.24 1.14 -1.04
C GLU A 411 18.71 2.51 -0.60
N TYR A 412 18.10 3.07 0.45
CA TYR A 412 18.59 4.32 0.99
C TYR A 412 20.01 4.17 1.52
N TYR A 413 20.30 3.05 2.18
CA TYR A 413 21.66 2.79 2.65
C TYR A 413 22.64 2.72 1.48
N LEU A 414 22.22 2.11 0.38
CA LEU A 414 23.07 2.02 -0.81
C LEU A 414 23.35 3.39 -1.39
N GLU A 415 22.33 4.25 -1.46
CA GLU A 415 22.50 5.56 -2.07
C GLU A 415 23.21 6.53 -1.13
N THR A 416 22.75 6.60 0.12
CA THR A 416 23.38 7.41 1.15
C THR A 416 24.05 6.49 2.16
N GLY A 417 25.37 6.54 2.23
CA GLY A 417 26.09 5.67 3.15
C GLY A 417 25.89 6.07 4.60
N ASP A 418 24.63 6.09 5.04
CA ASP A 418 24.31 6.52 6.39
C ASP A 418 24.73 5.46 7.39
N SER A 419 25.60 5.84 8.32
CA SER A 419 26.11 4.92 9.33
C SER A 419 25.17 4.79 10.53
N SER A 420 24.04 5.51 10.53
CA SER A 420 23.15 5.48 11.67
C SER A 420 22.38 4.17 11.77
N VAL A 421 22.11 3.51 10.63
CA VAL A 421 21.18 2.39 10.61
C VAL A 421 21.88 1.10 10.20
N LYS A 422 23.18 0.97 10.50
CA LYS A 422 23.88 -0.25 10.12
C LYS A 422 23.49 -1.43 11.00
N ASN A 423 23.40 -1.21 12.32
CA ASN A 423 23.15 -2.32 13.24
C ASN A 423 21.74 -2.89 13.03
N LEU A 424 20.77 -2.02 12.76
CA LEU A 424 19.44 -2.45 12.38
C LEU A 424 19.48 -3.43 11.21
N ILE A 425 20.18 -3.04 10.15
CA ILE A 425 20.18 -3.83 8.93
C ILE A 425 20.86 -5.18 9.17
N LYS A 426 21.99 -5.18 9.87
CA LYS A 426 22.65 -6.45 10.19
C LYS A 426 21.77 -7.34 11.05
N LYS A 427 21.11 -6.80 12.07
CA LYS A 427 20.27 -7.63 12.92
C LYS A 427 19.10 -8.24 12.14
N TRP A 428 18.46 -7.44 11.29
CA TRP A 428 17.35 -7.95 10.49
C TRP A 428 17.82 -9.03 9.51
N VAL A 429 18.97 -8.82 8.88
CA VAL A 429 19.50 -9.83 7.96
C VAL A 429 19.83 -11.11 8.70
N ASP A 430 20.44 -11.00 9.88
CA ASP A 430 20.74 -12.20 10.66
C ASP A 430 19.47 -12.94 11.04
N TRP A 431 18.42 -12.22 11.42
CA TRP A 431 17.17 -12.86 11.78
C TRP A 431 16.56 -13.59 10.60
N VAL A 432 16.52 -12.95 9.43
CA VAL A 432 15.89 -13.58 8.28
C VAL A 432 16.71 -14.76 7.79
N MET A 433 18.04 -14.69 7.92
CA MET A 433 18.85 -15.87 7.62
C MET A 433 18.55 -17.01 8.59
N SER A 434 18.34 -16.68 9.86
CA SER A 434 18.02 -17.72 10.83
C SER A 434 16.69 -18.39 10.50
N GLU A 435 15.70 -17.61 10.08
CA GLU A 435 14.35 -18.15 9.92
C GLU A 435 14.05 -18.69 8.53
N ILE A 436 14.99 -18.66 7.60
CA ILE A 436 14.78 -19.28 6.29
C ILE A 436 15.16 -20.75 6.39
N LYS A 437 14.25 -21.62 5.93
CA LYS A 437 14.46 -23.08 5.97
C LYS A 437 14.56 -23.60 4.55
N LEU A 438 15.79 -23.77 4.08
CA LEU A 438 16.04 -24.44 2.81
C LEU A 438 15.98 -25.96 2.99
N TYR A 439 15.97 -26.67 1.86
CA TYR A 439 15.90 -28.12 1.87
C TYR A 439 16.93 -28.69 0.90
N ASP A 440 17.30 -29.95 1.13
CA ASP A 440 18.29 -30.62 0.29
C ASP A 440 17.80 -30.74 -1.15
N ASP A 441 16.49 -30.80 -1.35
CA ASP A 441 15.91 -30.79 -2.69
C ASP A 441 15.89 -29.36 -3.21
N GLY A 442 15.17 -29.14 -4.30
CA GLY A 442 15.03 -27.80 -4.87
C GLY A 442 13.96 -26.94 -4.24
N THR A 443 13.28 -27.43 -3.21
CA THR A 443 12.20 -26.67 -2.60
C THR A 443 12.72 -25.80 -1.46
N PHE A 444 11.87 -24.87 -1.02
CA PHE A 444 12.21 -23.97 0.07
C PHE A 444 10.92 -23.56 0.78
N ALA A 445 11.09 -22.98 1.97
CA ALA A 445 9.96 -22.51 2.76
C ALA A 445 10.41 -21.30 3.57
N ILE A 446 9.72 -20.19 3.41
CA ILE A 446 10.05 -18.94 4.09
C ILE A 446 8.90 -18.60 5.01
N PRO A 447 9.13 -17.79 6.05
CA PRO A 447 8.06 -17.46 6.98
C PRO A 447 6.87 -16.81 6.28
N SER A 448 5.68 -17.12 6.77
CA SER A 448 4.46 -16.54 6.23
C SER A 448 3.62 -15.95 7.36
N ASP A 449 3.72 -16.53 8.54
CA ASP A 449 2.99 -16.10 9.72
C ASP A 449 3.99 -15.78 10.82
N LEU A 450 3.78 -14.65 11.49
CA LEU A 450 4.66 -14.21 12.56
C LEU A 450 3.86 -13.98 13.83
N GLU A 451 4.42 -14.38 14.96
CA GLU A 451 3.84 -14.14 16.27
C GLU A 451 4.75 -13.19 17.04
N TRP A 452 4.18 -12.07 17.49
CA TRP A 452 4.93 -11.03 18.19
C TRP A 452 4.53 -10.99 19.65
N SER A 453 5.50 -10.72 20.53
CA SER A 453 5.24 -10.59 21.95
C SER A 453 6.05 -9.44 22.51
N GLY A 454 5.52 -8.81 23.56
CA GLY A 454 6.22 -7.75 24.25
C GLY A 454 6.11 -6.40 23.57
N GLN A 455 6.88 -5.45 24.10
CA GLN A 455 6.91 -4.08 23.64
C GLN A 455 8.35 -3.60 23.60
N PRO A 456 8.68 -2.68 22.69
CA PRO A 456 10.02 -2.10 22.68
C PRO A 456 10.18 -1.05 23.78
N ASP A 457 11.43 -0.72 24.07
CA ASP A 457 11.71 0.29 25.07
C ASP A 457 11.33 1.68 24.57
N THR A 458 10.95 2.55 25.50
CA THR A 458 10.57 3.90 25.13
C THR A 458 11.76 4.64 24.52
N TRP A 459 11.52 5.31 23.40
CA TRP A 459 12.60 5.90 22.63
C TRP A 459 13.18 7.12 23.34
N THR A 460 14.51 7.14 23.46
CA THR A 460 15.22 8.26 24.06
C THR A 460 16.41 8.66 23.18
N GLY A 461 16.30 8.42 21.88
CA GLY A 461 17.35 8.74 20.94
C GLY A 461 18.36 7.64 20.73
N THR A 462 18.30 6.55 21.51
CA THR A 462 19.25 5.45 21.37
C THR A 462 18.50 4.13 21.45
N TYR A 463 19.09 3.10 20.86
CA TYR A 463 18.51 1.77 20.83
C TYR A 463 19.10 0.93 21.96
N THR A 464 18.23 0.43 22.84
CA THR A 464 18.65 -0.32 24.01
C THR A 464 18.76 -1.82 23.77
N GLY A 465 18.31 -2.31 22.62
CA GLY A 465 18.29 -3.73 22.33
C GLY A 465 16.94 -4.38 22.46
N ASN A 466 15.99 -3.74 23.13
CA ASN A 466 14.63 -4.22 23.34
C ASN A 466 14.62 -5.64 23.87
N PRO A 467 15.01 -5.85 25.14
CA PRO A 467 15.01 -7.21 25.70
C PRO A 467 13.63 -7.84 25.78
N ASN A 468 12.56 -7.05 25.79
CA ASN A 468 11.22 -7.58 26.01
C ASN A 468 10.44 -7.81 24.72
N LEU A 469 10.97 -7.43 23.56
CA LEU A 469 10.26 -7.55 22.29
C LEU A 469 10.77 -8.78 21.55
N HIS A 470 9.87 -9.72 21.27
CA HIS A 470 10.23 -11.00 20.69
C HIS A 470 9.32 -11.34 19.52
N VAL A 471 9.84 -12.16 18.61
CA VAL A 471 9.10 -12.62 17.44
C VAL A 471 9.45 -14.08 17.18
N ARG A 472 8.46 -14.85 16.75
CA ARG A 472 8.69 -16.23 16.34
C ARG A 472 7.90 -16.55 15.09
N VAL A 473 8.44 -17.43 14.26
CA VAL A 473 7.80 -17.83 13.01
C VAL A 473 6.94 -19.04 13.29
N THR A 474 5.67 -18.97 12.88
CA THR A 474 4.72 -20.04 13.14
C THR A 474 4.34 -20.85 11.90
N SER A 475 4.46 -20.26 10.71
CA SER A 475 4.08 -20.94 9.48
C SER A 475 5.16 -20.74 8.42
N TYR A 476 5.48 -21.81 7.71
CA TYR A 476 6.45 -21.77 6.62
C TYR A 476 5.73 -22.09 5.32
N GLY A 477 5.92 -21.23 4.32
CA GLY A 477 5.25 -21.39 3.05
C GLY A 477 6.19 -21.21 1.88
N THR A 478 5.63 -20.92 0.70
CA THR A 478 6.41 -20.82 -0.52
C THR A 478 5.94 -19.64 -1.37
N ASP A 479 5.56 -18.54 -0.72
CA ASP A 479 5.09 -17.36 -1.44
C ASP A 479 6.16 -16.82 -2.37
N LEU A 480 5.79 -16.52 -3.61
CA LEU A 480 6.77 -16.12 -4.62
C LEU A 480 6.99 -14.62 -4.69
N GLY A 481 5.94 -13.82 -4.49
CA GLY A 481 6.14 -12.38 -4.46
C GLY A 481 6.99 -11.95 -3.27
N VAL A 482 6.73 -12.53 -2.11
CA VAL A 482 7.53 -12.24 -0.93
C VAL A 482 8.95 -12.76 -1.12
N ALA A 483 9.10 -13.90 -1.79
CA ALA A 483 10.44 -14.39 -2.10
C ALA A 483 11.20 -13.41 -3.00
N GLY A 484 10.51 -12.85 -4.00
CA GLY A 484 11.14 -11.84 -4.84
C GLY A 484 11.54 -10.61 -4.06
N SER A 485 10.66 -10.13 -3.18
CA SER A 485 10.98 -8.97 -2.37
C SER A 485 12.18 -9.24 -1.46
N LEU A 486 12.21 -10.42 -0.83
CA LEU A 486 13.30 -10.78 0.07
C LEU A 486 14.62 -10.92 -0.67
N ALA A 487 14.60 -11.52 -1.86
CA ALA A 487 15.82 -11.62 -2.65
C ALA A 487 16.30 -10.24 -3.07
N ASN A 488 15.37 -9.35 -3.41
CA ASN A 488 15.72 -7.98 -3.73
C ASN A 488 16.41 -7.30 -2.55
N ALA A 489 15.85 -7.46 -1.34
CA ALA A 489 16.44 -6.87 -0.15
C ALA A 489 17.84 -7.43 0.11
N LEU A 490 18.01 -8.74 -0.07
CA LEU A 490 19.33 -9.34 0.18
C LEU A 490 20.37 -8.88 -0.84
N ALA A 491 19.98 -8.77 -2.11
CA ALA A 491 20.91 -8.26 -3.11
C ALA A 491 21.26 -6.81 -2.84
N THR A 492 20.29 -6.02 -2.38
CA THR A 492 20.56 -4.64 -2.01
C THR A 492 21.54 -4.58 -0.84
N TYR A 493 21.35 -5.44 0.15
CA TYR A 493 22.34 -5.59 1.23
C TYR A 493 23.73 -5.86 0.68
N ALA A 494 23.84 -6.82 -0.24
CA ALA A 494 25.16 -7.19 -0.76
C ALA A 494 25.82 -6.01 -1.45
N ALA A 495 25.08 -5.33 -2.34
CA ALA A 495 25.65 -4.19 -3.06
C ALA A 495 26.00 -3.04 -2.12
N ALA A 496 25.13 -2.75 -1.16
CA ALA A 496 25.39 -1.65 -0.23
C ALA A 496 26.62 -1.93 0.63
N THR A 497 26.78 -3.16 1.10
CA THR A 497 27.97 -3.49 1.89
C THR A 497 29.21 -3.50 1.01
N GLU A 498 29.09 -3.88 -0.26
CA GLU A 498 30.24 -3.78 -1.16
C GLU A 498 30.68 -2.33 -1.34
N ARG A 499 29.71 -1.42 -1.47
CA ARG A 499 30.04 -0.04 -1.79
C ARG A 499 30.46 0.76 -0.56
N TRP A 500 29.82 0.53 0.59
CA TRP A 500 29.98 1.39 1.76
C TRP A 500 30.47 0.64 2.99
N GLU A 501 31.10 -0.53 2.82
CA GLU A 501 31.66 -1.27 3.94
C GLU A 501 33.01 -1.83 3.49
N GLY A 502 33.62 -2.65 4.36
CA GLY A 502 34.93 -3.19 4.04
C GLY A 502 34.89 -4.13 2.84
N LYS A 503 33.93 -5.03 2.80
CA LYS A 503 33.89 -6.03 1.74
C LYS A 503 32.45 -6.49 1.55
N LEU A 504 32.20 -7.07 0.37
CA LEU A 504 30.88 -7.60 0.04
C LEU A 504 30.50 -8.73 0.98
N ASP A 505 29.24 -8.74 1.42
CA ASP A 505 28.71 -9.81 2.25
C ASP A 505 28.15 -10.89 1.32
N THR A 506 28.90 -11.97 1.16
CA THR A 506 28.54 -13.01 0.19
C THR A 506 27.35 -13.85 0.64
N LYS A 507 27.03 -13.87 1.93
CA LYS A 507 25.95 -14.71 2.41
C LYS A 507 24.60 -14.22 1.90
N ALA A 508 24.33 -12.92 2.01
CA ALA A 508 23.06 -12.38 1.55
C ALA A 508 22.91 -12.52 0.04
N ARG A 509 23.97 -12.22 -0.72
CA ARG A 509 23.92 -12.36 -2.17
C ARG A 509 23.70 -13.81 -2.58
N ASP A 510 24.40 -14.75 -1.91
CA ASP A 510 24.22 -16.15 -2.22
C ASP A 510 22.81 -16.63 -1.89
N MET A 511 22.26 -16.18 -0.76
CA MET A 511 20.89 -16.57 -0.40
C MET A 511 19.89 -16.03 -1.41
N ALA A 512 20.07 -14.79 -1.85
CA ALA A 512 19.17 -14.23 -2.85
C ALA A 512 19.25 -15.01 -4.16
N ALA A 513 20.46 -15.34 -4.61
CA ALA A 513 20.60 -16.11 -5.83
C ALA A 513 19.97 -17.49 -5.70
N GLU A 514 20.16 -18.14 -4.55
CA GLU A 514 19.57 -19.45 -4.34
C GLU A 514 18.05 -19.38 -4.36
N LEU A 515 17.47 -18.39 -3.69
CA LEU A 515 16.01 -18.23 -3.70
C LEU A 515 15.51 -18.04 -5.12
N LEU A 516 16.12 -17.11 -5.87
CA LEU A 516 15.66 -16.85 -7.23
C LEU A 516 15.75 -18.11 -8.09
N ASP A 517 16.90 -18.79 -8.03
CA ASP A 517 17.11 -19.95 -8.90
C ASP A 517 16.14 -21.07 -8.55
N ARG A 518 16.00 -21.39 -7.27
CA ARG A 518 15.10 -22.48 -6.88
C ARG A 518 13.66 -22.16 -7.26
N MET A 519 13.21 -20.93 -7.00
CA MET A 519 11.83 -20.56 -7.30
C MET A 519 11.57 -20.65 -8.81
N TRP A 520 12.48 -20.08 -9.61
CA TRP A 520 12.28 -20.11 -11.06
C TRP A 520 12.32 -21.53 -11.60
N ASN A 521 13.24 -22.37 -11.10
CA ASN A 521 13.35 -23.73 -11.61
C ASN A 521 12.12 -24.54 -11.26
N LEU A 522 11.65 -24.47 -10.02
CA LEU A 522 10.54 -25.33 -9.61
C LEU A 522 9.21 -24.84 -10.18
N TYR A 523 8.96 -23.53 -10.13
CA TYR A 523 7.61 -23.01 -10.32
C TYR A 523 7.46 -22.16 -11.58
N ARG A 524 8.08 -22.57 -12.68
CA ARG A 524 7.80 -21.94 -13.97
C ARG A 524 6.44 -22.36 -14.48
N ASP A 525 5.72 -21.41 -15.10
CA ASP A 525 4.34 -21.63 -15.51
C ASP A 525 4.14 -21.06 -16.90
N ASP A 526 3.00 -21.40 -17.50
CA ASP A 526 2.65 -20.87 -18.81
C ASP A 526 2.37 -19.37 -18.75
N LYS A 527 1.73 -18.91 -17.67
CA LYS A 527 1.39 -17.50 -17.48
C LYS A 527 2.35 -16.77 -16.57
N GLY A 528 3.52 -17.37 -16.28
CA GLY A 528 4.47 -16.74 -15.39
C GLY A 528 5.04 -17.70 -14.36
N LEU A 529 4.87 -17.40 -13.08
CA LEU A 529 5.29 -18.27 -12.01
C LEU A 529 4.17 -18.37 -10.98
N SER A 530 3.93 -19.57 -10.48
CA SER A 530 2.94 -19.75 -9.43
C SER A 530 3.23 -21.04 -8.68
N ALA A 531 2.67 -21.12 -7.48
CA ALA A 531 2.77 -22.31 -6.62
C ALA A 531 1.42 -22.56 -5.97
N PRO A 532 1.08 -23.81 -5.70
CA PRO A 532 -0.22 -24.11 -5.09
C PRO A 532 -0.37 -23.48 -3.72
N GLU A 533 -1.59 -23.05 -3.41
CA GLU A 533 -1.92 -22.43 -2.13
C GLU A 533 -3.06 -23.18 -1.49
N THR A 534 -2.91 -23.53 -0.21
CA THR A 534 -3.94 -24.28 0.49
C THR A 534 -5.24 -23.49 0.61
N ARG A 535 -5.14 -22.19 0.88
CA ARG A 535 -6.28 -21.27 0.88
C ARG A 535 -7.45 -21.79 1.73
N GLU A 536 -7.18 -21.93 3.04
CA GLU A 536 -8.23 -22.36 3.96
C GLU A 536 -9.31 -21.30 4.11
N ASP A 537 -8.91 -20.03 4.19
CA ASP A 537 -9.84 -18.92 4.42
C ASP A 537 -10.96 -18.87 3.38
N TYR A 538 -10.83 -19.59 2.27
CA TYR A 538 -11.87 -19.61 1.26
C TYR A 538 -13.14 -20.28 1.74
N VAL A 539 -13.11 -20.95 2.90
CA VAL A 539 -14.36 -21.40 3.50
C VAL A 539 -15.27 -20.20 3.79
N ARG A 540 -14.67 -19.06 4.19
CA ARG A 540 -15.44 -17.85 4.39
C ARG A 540 -16.15 -17.42 3.12
N PHE A 541 -15.62 -17.83 1.96
CA PHE A 541 -16.27 -17.57 0.68
C PHE A 541 -17.71 -18.01 0.69
N PHE A 542 -18.03 -19.07 1.44
CA PHE A 542 -19.39 -19.57 1.54
C PHE A 542 -20.04 -19.30 2.89
N GLU A 543 -19.33 -18.70 3.85
CA GLU A 543 -19.89 -18.59 5.19
C GLU A 543 -19.61 -17.27 5.90
N GLN A 544 -19.16 -16.23 5.21
CA GLN A 544 -18.83 -14.97 5.86
C GLN A 544 -20.00 -14.00 5.70
N GLU A 545 -20.71 -13.76 6.79
CA GLU A 545 -21.76 -12.74 6.80
C GLU A 545 -21.13 -11.36 6.65
N VAL A 546 -21.54 -10.63 5.60
CA VAL A 546 -20.85 -9.38 5.25
C VAL A 546 -21.32 -8.21 6.08
N TYR A 547 -22.30 -8.42 6.96
CA TYR A 547 -22.83 -7.38 7.86
C TYR A 547 -23.34 -6.17 7.08
N VAL A 548 -24.45 -6.39 6.40
CA VAL A 548 -25.28 -5.27 5.99
C VAL A 548 -26.06 -4.76 7.20
N PRO A 549 -25.98 -3.48 7.55
CA PRO A 549 -26.72 -2.99 8.73
C PRO A 549 -28.21 -3.24 8.59
N GLN A 550 -28.84 -3.58 9.71
CA GLN A 550 -30.25 -3.93 9.70
C GLN A 550 -31.11 -2.74 9.28
N GLY A 551 -32.16 -3.04 8.52
CA GLY A 551 -33.06 -2.00 8.06
C GLY A 551 -32.57 -1.21 6.88
N TRP A 552 -31.41 -1.53 6.31
CA TRP A 552 -30.88 -0.84 5.15
C TRP A 552 -30.96 -1.82 3.98
N SER A 553 -31.62 -1.42 2.90
CA SER A 553 -31.83 -2.28 1.75
C SER A 553 -31.32 -1.60 0.49
N GLY A 554 -30.53 -2.33 -0.30
CA GLY A 554 -29.98 -1.78 -1.52
C GLY A 554 -29.90 -2.87 -2.57
N THR A 555 -29.71 -2.43 -3.81
CA THR A 555 -29.63 -3.34 -4.94
C THR A 555 -28.32 -3.12 -5.69
N MET A 556 -27.55 -4.18 -5.85
CA MET A 556 -26.34 -4.12 -6.66
C MET A 556 -26.74 -3.89 -8.12
N PRO A 557 -25.87 -3.28 -8.93
CA PRO A 557 -26.26 -2.99 -10.32
C PRO A 557 -26.73 -4.21 -11.10
N ASN A 558 -26.14 -5.39 -10.90
CA ASN A 558 -26.62 -6.57 -11.59
C ASN A 558 -27.94 -7.09 -11.03
N GLY A 559 -28.37 -6.61 -9.87
CA GLY A 559 -29.64 -7.01 -9.28
C GLY A 559 -29.55 -7.72 -7.96
N ASP A 560 -28.36 -7.92 -7.39
CA ASP A 560 -28.25 -8.61 -6.12
C ASP A 560 -28.90 -7.80 -5.00
N ARG A 561 -29.61 -8.49 -4.12
CA ARG A 561 -30.24 -7.84 -2.98
C ARG A 561 -29.23 -7.77 -1.84
N ILE A 562 -28.83 -6.55 -1.50
CA ILE A 562 -27.89 -6.33 -0.40
C ILE A 562 -28.72 -6.07 0.85
N GLU A 563 -28.86 -7.09 1.68
CA GLU A 563 -29.74 -7.07 2.84
C GLU A 563 -29.00 -7.68 4.03
N PRO A 564 -29.50 -7.49 5.23
CA PRO A 564 -28.92 -8.19 6.39
C PRO A 564 -28.96 -9.69 6.20
N GLY A 565 -27.90 -10.36 6.66
CA GLY A 565 -27.77 -11.79 6.51
C GLY A 565 -27.05 -12.24 5.26
N VAL A 566 -26.71 -11.32 4.37
CA VAL A 566 -26.01 -11.67 3.14
C VAL A 566 -24.59 -12.12 3.45
N THR A 567 -24.11 -13.12 2.70
CA THR A 567 -22.75 -13.61 2.81
C THR A 567 -21.88 -12.98 1.73
N PHE A 568 -20.64 -13.48 1.61
CA PHE A 568 -19.70 -12.92 0.64
C PHE A 568 -20.19 -13.09 -0.79
N LEU A 569 -20.72 -14.27 -1.11
CA LEU A 569 -21.06 -14.60 -2.49
C LEU A 569 -22.36 -13.97 -2.95
N ASP A 570 -23.28 -13.68 -2.03
CA ASP A 570 -24.63 -13.26 -2.42
C ASP A 570 -24.61 -11.92 -3.15
N ILE A 571 -23.81 -10.96 -2.69
CA ILE A 571 -23.70 -9.66 -3.37
C ILE A 571 -22.67 -9.67 -4.49
N ARG A 572 -22.04 -10.80 -4.77
CA ARG A 572 -21.12 -10.96 -5.88
C ARG A 572 -21.55 -12.13 -6.75
N SER A 573 -22.84 -12.15 -7.10
CA SER A 573 -23.44 -13.31 -7.75
C SER A 573 -22.84 -13.61 -9.12
N LYS A 574 -22.10 -12.68 -9.71
CA LYS A 574 -21.42 -12.95 -10.96
C LYS A 574 -20.21 -13.87 -10.78
N TYR A 575 -19.85 -14.21 -9.55
CA TYR A 575 -18.86 -15.24 -9.30
C TYR A 575 -19.35 -16.62 -9.72
N LEU A 576 -20.66 -16.87 -9.68
CA LEU A 576 -21.18 -18.18 -10.05
C LEU A 576 -20.94 -18.51 -11.52
N ASN A 577 -20.62 -17.52 -12.34
CA ASN A 577 -20.24 -17.75 -13.73
C ASN A 577 -18.74 -17.94 -13.91
N ASP A 578 -17.97 -17.84 -12.84
CA ASP A 578 -16.53 -17.96 -12.96
C ASP A 578 -16.14 -19.39 -13.31
N PRO A 579 -15.12 -19.58 -14.16
CA PRO A 579 -14.71 -20.96 -14.49
C PRO A 579 -14.23 -21.77 -13.30
N ASP A 580 -13.63 -21.15 -12.29
CA ASP A 580 -13.11 -21.87 -11.14
C ASP A 580 -14.14 -22.07 -10.04
N TYR A 581 -15.35 -21.56 -10.19
CA TYR A 581 -16.36 -21.76 -9.16
C TYR A 581 -16.75 -23.23 -8.95
N PRO A 582 -16.98 -24.04 -9.99
CA PRO A 582 -17.34 -25.45 -9.71
C PRO A 582 -16.29 -26.20 -8.91
N LYS A 583 -15.01 -25.96 -9.18
CA LYS A 583 -13.95 -26.61 -8.41
C LYS A 583 -13.96 -26.15 -6.96
N LEU A 584 -14.18 -24.85 -6.74
CA LEU A 584 -14.29 -24.33 -5.37
C LEU A 584 -15.46 -24.98 -4.64
N GLN A 585 -16.61 -25.08 -5.30
CA GLN A 585 -17.78 -25.69 -4.66
C GLN A 585 -17.54 -27.16 -4.35
N GLN A 586 -16.93 -27.88 -5.27
CA GLN A 586 -16.64 -29.30 -5.02
C GLN A 586 -15.70 -29.47 -3.84
N ALA A 587 -14.63 -28.67 -3.79
CA ALA A 587 -13.69 -28.77 -2.68
C ALA A 587 -14.34 -28.39 -1.35
N TYR A 588 -15.21 -27.36 -1.37
CA TYR A 588 -15.92 -26.98 -0.16
C TYR A 588 -16.85 -28.10 0.31
N ASN A 589 -17.53 -28.76 -0.62
CA ASN A 589 -18.47 -29.81 -0.25
C ASN A 589 -17.75 -31.04 0.30
N GLU A 590 -16.67 -31.47 -0.37
CA GLU A 590 -16.01 -32.70 0.05
C GLU A 590 -15.14 -32.51 1.28
N GLY A 591 -14.82 -31.27 1.66
CA GLY A 591 -14.20 -30.97 2.93
C GLY A 591 -12.81 -30.34 2.84
N LYS A 592 -11.96 -30.85 1.94
CA LYS A 592 -10.59 -30.39 1.90
C LYS A 592 -10.50 -28.96 1.38
N ALA A 593 -9.39 -28.31 1.70
CA ALA A 593 -9.20 -26.92 1.33
C ALA A 593 -9.00 -26.79 -0.18
N PRO A 594 -9.45 -25.68 -0.78
CA PRO A 594 -9.27 -25.51 -2.23
C PRO A 594 -7.87 -25.03 -2.57
N VAL A 595 -7.22 -25.74 -3.49
CA VAL A 595 -5.85 -25.44 -3.89
C VAL A 595 -5.87 -24.59 -5.16
N PHE A 596 -5.10 -23.52 -5.16
CA PHE A 596 -5.11 -22.55 -6.25
C PHE A 596 -3.70 -22.25 -6.73
N ASN A 597 -3.59 -21.95 -8.01
CA ASN A 597 -2.35 -21.46 -8.63
C ASN A 597 -2.64 -20.05 -9.15
N TYR A 598 -2.15 -19.05 -8.43
CA TYR A 598 -2.49 -17.66 -8.68
C TYR A 598 -1.36 -16.93 -9.38
N HIS A 599 -1.70 -16.13 -10.38
CA HIS A 599 -0.75 -15.31 -11.13
C HIS A 599 -1.11 -13.85 -10.91
N ARG A 600 -0.47 -13.23 -9.92
CA ARG A 600 -0.71 -11.82 -9.61
C ARG A 600 0.24 -10.95 -10.42
N PHE A 601 -0.26 -9.77 -10.80
CA PHE A 601 0.59 -8.81 -11.50
C PHE A 601 1.74 -8.34 -10.62
N TRP A 602 1.44 -8.02 -9.35
CA TRP A 602 2.49 -7.51 -8.46
C TRP A 602 3.47 -8.60 -8.05
N ALA A 603 3.03 -9.86 -7.96
CA ALA A 603 3.95 -10.94 -7.64
C ALA A 603 4.95 -11.18 -8.76
N GLN A 604 4.47 -11.26 -10.00
CA GLN A 604 5.38 -11.41 -11.14
C GLN A 604 6.23 -10.16 -11.33
N CYS A 605 5.68 -8.98 -11.04
CA CYS A 605 6.49 -7.76 -11.08
C CYS A 605 7.61 -7.82 -10.06
N ASP A 606 7.32 -8.28 -8.84
CA ASP A 606 8.38 -8.47 -7.86
C ASP A 606 9.43 -9.47 -8.33
N ILE A 607 8.99 -10.59 -8.90
CA ILE A 607 9.96 -11.59 -9.35
C ILE A 607 10.89 -10.99 -10.41
N ALA A 608 10.31 -10.32 -11.41
CA ALA A 608 11.12 -9.74 -12.47
C ALA A 608 11.97 -8.57 -11.96
N ILE A 609 11.41 -7.73 -11.10
CA ILE A 609 12.14 -6.58 -10.58
C ILE A 609 13.32 -7.06 -9.73
N ALA A 610 13.10 -8.07 -8.89
CA ALA A 610 14.19 -8.63 -8.10
C ALA A 610 15.25 -9.24 -9.00
N ASN A 611 14.83 -9.90 -10.08
CA ASN A 611 15.80 -10.43 -11.04
C ASN A 611 16.65 -9.32 -11.65
N GLY A 612 15.99 -8.23 -12.07
CA GLY A 612 16.72 -7.14 -12.69
C GLY A 612 17.66 -6.43 -11.72
N LEU A 613 17.17 -6.20 -10.50
CA LEU A 613 17.99 -5.59 -9.45
C LEU A 613 19.12 -6.51 -9.00
N TYR A 614 18.98 -7.81 -9.20
CA TYR A 614 20.13 -8.69 -9.04
C TYR A 614 21.08 -8.57 -10.24
N SER A 615 20.55 -8.31 -11.43
CA SER A 615 21.43 -8.07 -12.57
C SER A 615 22.15 -6.73 -12.45
N ILE A 616 21.49 -5.73 -11.88
CA ILE A 616 22.08 -4.40 -11.78
C ILE A 616 23.24 -4.42 -10.79
N LEU A 617 24.34 -3.77 -11.19
CA LEU A 617 25.59 -3.67 -10.44
C LEU A 617 26.27 -5.01 -10.23
N PHE A 618 25.95 -6.01 -11.06
CA PHE A 618 26.62 -7.30 -11.00
C PHE A 618 27.01 -7.78 -12.38
#